data_5VGE
#
_entry.id   5VGE
#
_cell.length_a   99.670
_cell.length_b   99.670
_cell.length_c   77.914
_cell.angle_alpha   90.00
_cell.angle_beta   90.00
_cell.angle_gamma   120.00
#
_symmetry.space_group_name_H-M   'P 65'
#
loop_
_entity.id
_entity.type
_entity.pdbx_description
1 polymer 'cDNA FLJ54183, highly similar to HLA class I histocompatibility antigen, Cw-7 alpha chain'
2 polymer Beta-2-microglobulin
3 polymer ARG-TYR-ARG-PRO-GLY-THR-VAL-ALA-LEU
4 non-polymer 'ZINC ION'
5 water water
#
loop_
_entity_poly.entity_id
_entity_poly.type
_entity_poly.pdbx_seq_one_letter_code
_entity_poly.pdbx_strand_id
1 'polypeptide(L)'
;GSHSMRYFDTAVSRPGRGEPRFISVGYVDDTQFVRFDSDAASPRGEPRAPWVEQEGPEYWDRETQKYKRQAQADRVSLRN
LRGYYNQSEDGSHTLQRMSGCDLGPDGRLLRGYDQSAYDGKDYIALNEDLRSWTAADTAAQITQRKLEAARAAEQLRAYL
EGTCVEWLRRYLENGKETLQRAEPPKTHVTHHPLSDHEATLRCWALGFYPAEITLTWQRDGEDQTQDTELVETRPAGDGT
FQKWAAVVVPSGQEQRYTCHMQHEGLQEPLTLSWEP
;
A
2 'polypeptide(L)'
;MIQRTPKIQVYSRHPAENGKSNFLNCYVSGFHPSDIEVDLLKNGERIEKVEHSDLSFSKDWSFYLLYYTEFTPTEKDEYA
CRVNHVTLSQPKIVKWDRDM
;
B
3 'polypeptide(L)' RYRPGTVAL C
#
loop_
_chem_comp.id
_chem_comp.type
_chem_comp.name
_chem_comp.formula
ZN non-polymer 'ZINC ION' 'Zn 2'
#
# COMPACT_ATOMS: atom_id res chain seq x y z
N SER A 2 -8.17 15.17 -2.07
CA SER A 2 -7.96 15.00 -3.54
C SER A 2 -8.33 13.57 -3.97
N HIS A 3 -9.60 13.37 -4.36
CA HIS A 3 -10.12 12.01 -4.60
C HIS A 3 -9.47 11.27 -5.77
N SER A 4 -9.32 9.95 -5.61
CA SER A 4 -8.48 9.14 -6.49
C SER A 4 -8.95 7.71 -6.56
N MET A 5 -8.89 7.12 -7.75
CA MET A 5 -9.03 5.68 -7.95
C MET A 5 -7.72 5.18 -8.53
N ARG A 6 -7.22 4.05 -8.02
CA ARG A 6 -5.98 3.44 -8.51
C ARG A 6 -6.12 1.93 -8.57
N TYR A 7 -5.56 1.34 -9.61
CA TYR A 7 -5.49 -0.12 -9.73
C TYR A 7 -4.03 -0.48 -9.68
N PHE A 8 -3.70 -1.52 -8.92
CA PHE A 8 -2.31 -1.90 -8.69
C PHE A 8 -2.10 -3.34 -9.12
N ASP A 9 -1.54 -3.50 -10.31
CA ASP A 9 -1.30 -4.83 -10.88
C ASP A 9 0.11 -5.34 -10.64
N THR A 10 0.19 -6.64 -10.41
CA THR A 10 1.46 -7.31 -10.17
C THR A 10 1.46 -8.68 -10.83
N ALA A 11 2.38 -8.86 -11.80
CA ALA A 11 2.57 -10.14 -12.49
C ALA A 11 3.98 -10.68 -12.24
N VAL A 12 4.09 -11.83 -11.56
CA VAL A 12 5.38 -12.43 -11.20
C VAL A 12 5.55 -13.78 -11.90
N SER A 13 6.71 -13.98 -12.54
CA SER A 13 7.01 -15.27 -13.21
C SER A 13 7.55 -16.29 -12.21
N ARG A 14 7.11 -17.53 -12.38
CA ARG A 14 7.53 -18.67 -11.59
C ARG A 14 7.96 -19.77 -12.59
N PRO A 15 9.08 -19.52 -13.31
CA PRO A 15 9.39 -20.21 -14.58
C PRO A 15 9.33 -21.75 -14.53
N GLY A 16 9.83 -22.34 -13.44
CA GLY A 16 9.78 -23.78 -13.25
C GLY A 16 8.64 -24.31 -12.38
N ARG A 17 7.55 -23.54 -12.25
CA ARG A 17 6.38 -23.94 -11.41
C ARG A 17 4.97 -23.55 -11.94
N GLY A 18 4.87 -23.08 -13.19
CA GLY A 18 3.58 -22.68 -13.78
C GLY A 18 3.62 -21.36 -14.56
N GLU A 19 2.45 -20.95 -15.04
CA GLU A 19 2.28 -19.63 -15.66
C GLU A 19 2.55 -18.52 -14.64
N PRO A 20 2.92 -17.32 -15.11
CA PRO A 20 3.03 -16.22 -14.15
C PRO A 20 1.69 -15.87 -13.46
N ARG A 21 1.77 -15.42 -12.20
CA ARG A 21 0.60 -15.08 -11.40
C ARG A 21 0.27 -13.62 -11.62
N PHE A 22 -0.99 -13.32 -11.97
CA PHE A 22 -1.49 -11.94 -12.08
C PHE A 22 -2.41 -11.64 -10.90
N ILE A 23 -2.09 -10.60 -10.15
CA ILE A 23 -2.94 -10.12 -9.06
C ILE A 23 -3.15 -8.61 -9.20
N SER A 24 -4.40 -8.18 -9.05
CA SER A 24 -4.79 -6.78 -9.21
C SER A 24 -5.68 -6.38 -8.07
N VAL A 25 -5.43 -5.19 -7.51
CA VAL A 25 -6.30 -4.62 -6.46
C VAL A 25 -6.67 -3.17 -6.83
N GLY A 26 -7.96 -2.84 -6.68
CA GLY A 26 -8.46 -1.52 -6.97
C GLY A 26 -8.76 -0.80 -5.68
N TYR A 27 -8.25 0.44 -5.57
CA TYR A 27 -8.55 1.35 -4.44
C TYR A 27 -9.30 2.62 -4.90
N VAL A 28 -10.24 3.10 -4.08
CA VAL A 28 -10.72 4.49 -4.14
C VAL A 28 -10.07 5.21 -2.94
N ASP A 29 -9.09 6.08 -3.22
CA ASP A 29 -8.26 6.75 -2.19
C ASP A 29 -7.43 5.69 -1.42
N ASP A 30 -7.63 5.53 -0.10
CA ASP A 30 -6.93 4.50 0.70
C ASP A 30 -7.87 3.38 1.17
N THR A 31 -8.98 3.16 0.44
CA THR A 31 -9.96 2.10 0.76
C THR A 31 -10.04 1.11 -0.40
N GLN A 32 -9.62 -0.15 -0.15
CA GLN A 32 -9.68 -1.19 -1.17
C GLN A 32 -11.12 -1.58 -1.51
N PHE A 33 -11.43 -1.72 -2.80
CA PHE A 33 -12.79 -2.15 -3.20
C PHE A 33 -12.90 -3.39 -4.08
N VAL A 34 -11.79 -3.90 -4.62
CA VAL A 34 -11.85 -5.02 -5.57
C VAL A 34 -10.51 -5.76 -5.66
N ARG A 35 -10.55 -7.06 -5.96
CA ARG A 35 -9.33 -7.82 -6.26
C ARG A 35 -9.55 -8.84 -7.38
N PHE A 36 -8.46 -9.25 -8.02
CA PHE A 36 -8.44 -10.41 -8.91
C PHE A 36 -7.14 -11.16 -8.62
N ASP A 37 -7.24 -12.43 -8.22
CA ASP A 37 -6.08 -13.30 -8.10
C ASP A 37 -6.18 -14.50 -9.07
N SER A 38 -5.23 -14.61 -10.00
CA SER A 38 -5.23 -15.73 -10.96
C SER A 38 -4.83 -17.10 -10.36
N ASP A 39 -4.34 -17.11 -9.13
CA ASP A 39 -4.14 -18.36 -8.36
C ASP A 39 -5.36 -18.76 -7.53
N ALA A 40 -6.45 -18.00 -7.59
CA ALA A 40 -7.70 -18.38 -6.94
C ALA A 40 -8.25 -19.61 -7.64
N ALA A 41 -9.05 -20.40 -6.91
CA ALA A 41 -9.61 -21.66 -7.43
C ALA A 41 -10.29 -21.48 -8.80
N SER A 42 -11.45 -20.83 -8.83
CA SER A 42 -12.07 -20.37 -10.07
C SER A 42 -11.94 -18.85 -10.09
N PRO A 43 -10.95 -18.32 -10.85
CA PRO A 43 -10.56 -16.92 -10.68
C PRO A 43 -11.57 -15.97 -11.28
N ARG A 44 -12.05 -15.04 -10.44
CA ARG A 44 -12.99 -13.99 -10.83
C ARG A 44 -12.66 -12.70 -10.07
N GLY A 45 -13.12 -11.55 -10.55
CA GLY A 45 -12.97 -10.30 -9.81
C GLY A 45 -13.97 -10.22 -8.68
N GLU A 46 -13.50 -10.09 -7.44
CA GLU A 46 -14.38 -10.11 -6.25
C GLU A 46 -14.49 -8.75 -5.56
N PRO A 47 -15.67 -8.45 -4.94
CA PRO A 47 -15.79 -7.21 -4.18
C PRO A 47 -15.05 -7.28 -2.86
N ARG A 48 -14.40 -6.18 -2.48
CA ARG A 48 -13.75 -6.08 -1.16
C ARG A 48 -14.25 -4.93 -0.30
N ALA A 49 -15.28 -4.23 -0.76
CA ALA A 49 -15.95 -3.19 0.02
C ALA A 49 -17.47 -3.38 -0.16
N PRO A 50 -18.28 -2.89 0.79
CA PRO A 50 -19.73 -3.10 0.66
C PRO A 50 -20.46 -2.16 -0.31
N TRP A 51 -19.82 -1.05 -0.69
CA TRP A 51 -20.43 -0.02 -1.55
C TRP A 51 -20.24 -0.33 -3.04
N VAL A 52 -19.64 -1.50 -3.33
CA VAL A 52 -19.63 -2.08 -4.66
C VAL A 52 -20.22 -3.52 -4.75
N GLU A 53 -20.61 -4.12 -3.61
CA GLU A 53 -21.27 -5.45 -3.64
C GLU A 53 -22.59 -5.44 -4.43
N GLN A 54 -23.28 -4.30 -4.38
CA GLN A 54 -24.51 -4.04 -5.12
C GLN A 54 -24.43 -4.31 -6.63
N GLU A 55 -23.31 -3.98 -7.25
CA GLU A 55 -23.17 -4.01 -8.73
C GLU A 55 -23.64 -5.34 -9.33
N GLY A 56 -24.27 -5.25 -10.51
CA GLY A 56 -24.97 -6.39 -11.09
C GLY A 56 -24.05 -7.46 -11.62
N PRO A 57 -24.61 -8.51 -12.26
CA PRO A 57 -23.77 -9.57 -12.82
C PRO A 57 -22.96 -9.18 -14.06
N GLU A 58 -23.51 -8.32 -14.91
CA GLU A 58 -22.80 -7.86 -16.10
C GLU A 58 -21.52 -7.16 -15.68
N TYR A 59 -21.65 -6.30 -14.67
CA TYR A 59 -20.53 -5.56 -14.07
C TYR A 59 -19.41 -6.51 -13.71
N TRP A 60 -19.70 -7.49 -12.83
CA TRP A 60 -18.69 -8.46 -12.36
C TRP A 60 -18.20 -9.44 -13.43
N ASP A 61 -19.07 -9.84 -14.34
CA ASP A 61 -18.64 -10.76 -15.40
C ASP A 61 -17.67 -10.06 -16.36
N ARG A 62 -17.95 -8.80 -16.63
CA ARG A 62 -17.16 -7.98 -17.53
C ARG A 62 -15.79 -7.62 -16.94
N GLU A 63 -15.74 -7.26 -15.65
CA GLU A 63 -14.48 -6.91 -15.02
C GLU A 63 -13.57 -8.13 -15.05
N THR A 64 -14.11 -9.27 -14.61
CA THR A 64 -13.44 -10.56 -14.73
C THR A 64 -12.90 -10.80 -16.14
N GLN A 65 -13.75 -10.55 -17.12
CA GLN A 65 -13.41 -10.70 -18.54
C GLN A 65 -12.21 -9.82 -18.90
N LYS A 66 -12.17 -8.57 -18.43
CA LYS A 66 -11.01 -7.69 -18.68
C LYS A 66 -9.75 -8.12 -17.90
N TYR A 67 -9.96 -8.67 -16.72
CA TYR A 67 -8.88 -9.15 -15.87
C TYR A 67 -8.14 -10.36 -16.45
N LYS A 68 -8.89 -11.39 -16.83
CA LYS A 68 -8.32 -12.58 -17.51
C LYS A 68 -7.53 -12.24 -18.77
N ARG A 69 -8.04 -11.31 -19.57
CA ARG A 69 -7.35 -10.89 -20.80
C ARG A 69 -6.10 -10.08 -20.49
N GLN A 70 -6.14 -9.32 -19.39
CA GLN A 70 -4.97 -8.55 -18.93
C GLN A 70 -3.86 -9.45 -18.38
N ALA A 71 -4.24 -10.50 -17.66
CA ALA A 71 -3.31 -11.49 -17.18
C ALA A 71 -2.59 -12.23 -18.31
N GLN A 72 -3.28 -12.49 -19.41
CA GLN A 72 -2.66 -13.09 -20.61
C GLN A 72 -1.62 -12.15 -21.26
N ALA A 73 -1.95 -10.86 -21.33
CA ALA A 73 -1.04 -9.87 -21.92
C ALA A 73 0.20 -9.66 -21.06
N ASP A 74 0.05 -9.81 -19.75
CA ASP A 74 1.19 -9.61 -18.85
C ASP A 74 2.16 -10.78 -18.90
N ARG A 75 1.63 -12.00 -18.86
CA ARG A 75 2.45 -13.18 -19.08
C ARG A 75 3.26 -12.98 -20.36
N VAL A 76 2.57 -12.58 -21.41
CA VAL A 76 3.21 -12.27 -22.69
C VAL A 76 4.22 -11.12 -22.53
N SER A 77 3.80 -10.07 -21.83
CA SER A 77 4.68 -8.92 -21.60
C SER A 77 5.95 -9.28 -20.85
N LEU A 78 5.86 -10.22 -19.92
CA LEU A 78 7.03 -10.73 -19.20
C LEU A 78 7.91 -11.50 -20.16
N ARG A 79 7.29 -12.49 -20.82
CA ARG A 79 7.97 -13.35 -21.80
C ARG A 79 8.80 -12.51 -22.79
N ASN A 80 8.19 -11.45 -23.32
CA ASN A 80 8.88 -10.49 -24.19
C ASN A 80 10.04 -9.76 -23.53
N LEU A 81 9.77 -9.15 -22.36
CA LEU A 81 10.79 -8.35 -21.65
C LEU A 81 11.95 -9.20 -21.17
N ARG A 82 11.65 -10.43 -20.75
CA ARG A 82 12.63 -11.49 -20.43
C ARG A 82 13.61 -11.72 -21.59
N GLY A 83 13.07 -11.65 -22.81
CA GLY A 83 13.88 -11.57 -24.03
C GLY A 83 14.71 -10.30 -24.13
N TYR A 84 14.10 -9.13 -23.96
CA TYR A 84 14.78 -7.83 -24.24
C TYR A 84 15.98 -7.49 -23.34
N TYR A 85 16.23 -8.29 -22.30
CA TYR A 85 17.48 -8.21 -21.51
C TYR A 85 18.26 -9.55 -21.53
N ASN A 86 17.96 -10.40 -22.52
CA ASN A 86 18.45 -11.78 -22.65
C ASN A 86 18.58 -12.55 -21.32
N GLN A 87 17.55 -12.40 -20.48
CA GLN A 87 17.56 -13.00 -19.15
C GLN A 87 17.23 -14.48 -19.26
N SER A 88 17.93 -15.29 -18.46
CA SER A 88 17.64 -16.72 -18.33
C SER A 88 16.14 -16.99 -18.18
N GLU A 89 15.66 -18.09 -18.76
CA GLU A 89 14.30 -18.56 -18.50
C GLU A 89 14.28 -19.44 -17.25
N ASP A 90 14.79 -18.90 -16.14
CA ASP A 90 14.81 -19.62 -14.85
C ASP A 90 14.89 -18.75 -13.56
N GLY A 91 15.17 -17.44 -13.69
CA GLY A 91 14.97 -16.50 -12.58
C GLY A 91 13.57 -15.89 -12.65
N SER A 92 12.97 -15.64 -11.48
CA SER A 92 11.63 -15.02 -11.39
C SER A 92 11.75 -13.54 -11.67
N HIS A 93 10.73 -12.97 -12.31
CA HIS A 93 10.70 -11.55 -12.71
C HIS A 93 9.33 -10.92 -12.48
N THR A 94 9.34 -9.63 -12.16
CA THR A 94 8.14 -8.94 -11.73
C THR A 94 7.80 -7.80 -12.66
N LEU A 95 6.56 -7.78 -13.13
CA LEU A 95 5.98 -6.61 -13.80
C LEU A 95 4.90 -6.00 -12.91
N GLN A 96 4.97 -4.68 -12.71
CA GLN A 96 4.03 -3.95 -11.87
C GLN A 96 3.42 -2.82 -12.68
N ARG A 97 2.14 -2.49 -12.43
CA ARG A 97 1.45 -1.41 -13.12
C ARG A 97 0.48 -0.64 -12.21
N MET A 98 0.49 0.68 -12.33
CA MET A 98 -0.42 1.55 -11.62
C MET A 98 -1.20 2.31 -12.69
N SER A 99 -2.52 2.23 -12.65
CA SER A 99 -3.39 2.97 -13.57
C SER A 99 -4.52 3.58 -12.77
N GLY A 100 -4.93 4.79 -13.12
CA GLY A 100 -5.98 5.47 -12.37
C GLY A 100 -6.16 6.95 -12.61
N CYS A 101 -6.90 7.57 -11.68
CA CYS A 101 -7.46 8.91 -11.81
C CYS A 101 -7.31 9.72 -10.57
N ASP A 102 -6.86 10.97 -10.73
CA ASP A 102 -7.08 11.98 -9.74
C ASP A 102 -8.30 12.75 -10.21
N LEU A 103 -9.28 12.95 -9.33
CA LEU A 103 -10.48 13.76 -9.61
C LEU A 103 -10.24 15.26 -9.32
N GLY A 104 -11.12 16.13 -9.80
CA GLY A 104 -10.94 17.58 -9.66
C GLY A 104 -11.95 18.22 -8.71
N PRO A 105 -11.99 19.56 -8.69
CA PRO A 105 -13.06 20.25 -7.98
C PRO A 105 -14.43 20.11 -8.65
N ASP A 106 -14.46 20.17 -9.99
CA ASP A 106 -15.70 20.17 -10.78
C ASP A 106 -16.15 18.76 -11.25
N GLY A 107 -15.68 17.70 -10.59
CA GLY A 107 -15.97 16.32 -11.01
C GLY A 107 -15.31 15.94 -12.32
N ARG A 108 -14.14 16.51 -12.56
CA ARG A 108 -13.45 16.45 -13.85
C ARG A 108 -12.11 15.74 -13.68
N LEU A 109 -11.42 15.46 -14.78
CA LEU A 109 -10.11 14.82 -14.70
C LEU A 109 -9.00 15.79 -14.31
N LEU A 110 -8.23 15.44 -13.29
CA LEU A 110 -7.07 16.22 -12.83
C LEU A 110 -5.80 15.65 -13.45
N ARG A 111 -5.58 14.35 -13.29
CA ARG A 111 -4.38 13.64 -13.78
C ARG A 111 -4.69 12.15 -13.93
N GLY A 112 -4.37 11.59 -15.11
CA GLY A 112 -4.55 10.16 -15.37
C GLY A 112 -3.21 9.48 -15.33
N TYR A 113 -3.21 8.19 -14.96
CA TYR A 113 -1.96 7.41 -14.86
C TYR A 113 -2.03 6.11 -15.64
N ASP A 114 -0.88 5.70 -16.19
CA ASP A 114 -0.64 4.32 -16.60
C ASP A 114 0.88 4.07 -16.69
N GLN A 115 1.45 3.59 -15.60
CA GLN A 115 2.89 3.43 -15.48
C GLN A 115 3.21 1.98 -15.18
N SER A 116 4.45 1.60 -15.46
CA SER A 116 4.92 0.26 -15.21
C SER A 116 6.34 0.26 -14.66
N ALA A 117 6.72 -0.91 -14.18
CA ALA A 117 8.04 -1.16 -13.66
C ALA A 117 8.35 -2.64 -13.81
N TYR A 118 9.59 -2.95 -14.19
CA TYR A 118 10.08 -4.33 -14.31
C TYR A 118 11.14 -4.53 -13.23
N ASP A 119 11.00 -5.63 -12.49
CA ASP A 119 11.89 -5.94 -11.35
C ASP A 119 12.06 -4.74 -10.43
N GLY A 120 10.93 -4.14 -10.06
CA GLY A 120 10.87 -3.06 -9.09
C GLY A 120 11.35 -1.70 -9.58
N LYS A 121 11.48 -1.53 -10.90
CA LYS A 121 12.16 -0.35 -11.45
C LYS A 121 11.38 0.23 -12.63
N ASP A 122 11.25 1.56 -12.66
CA ASP A 122 10.54 2.29 -13.74
C ASP A 122 10.92 1.79 -15.13
N TYR A 123 9.93 1.28 -15.88
CA TYR A 123 10.12 0.76 -17.22
C TYR A 123 9.45 1.60 -18.29
N ILE A 124 8.15 1.89 -18.13
CA ILE A 124 7.43 2.74 -19.09
C ILE A 124 6.19 3.38 -18.47
N ALA A 125 5.91 4.61 -18.87
CA ALA A 125 4.89 5.43 -18.23
C ALA A 125 4.16 6.33 -19.22
N LEU A 126 2.92 6.68 -18.88
CA LEU A 126 2.09 7.54 -19.73
C LEU A 126 2.20 8.98 -19.25
N ASN A 127 2.48 9.90 -20.18
CA ASN A 127 2.75 11.29 -19.82
C ASN A 127 1.46 12.06 -19.53
N GLU A 128 1.63 13.23 -18.91
CA GLU A 128 0.54 14.05 -18.37
C GLU A 128 -0.51 14.40 -19.43
N ASP A 129 -0.04 14.80 -20.62
CA ASP A 129 -0.92 15.10 -21.76
C ASP A 129 -1.88 13.97 -22.15
N LEU A 130 -1.49 12.72 -21.88
CA LEU A 130 -2.28 11.48 -22.13
C LEU A 130 -2.27 11.02 -23.61
N ARG A 131 -1.21 11.38 -24.36
CA ARG A 131 -1.00 10.84 -25.71
C ARG A 131 0.48 10.75 -26.10
N SER A 132 1.32 10.41 -25.11
CA SER A 132 2.77 10.23 -25.33
C SER A 132 3.38 9.49 -24.15
N TRP A 133 4.41 8.71 -24.42
CA TRP A 133 5.00 7.81 -23.46
C TRP A 133 6.41 8.25 -23.07
N THR A 134 7.00 7.54 -22.11
CA THR A 134 8.38 7.76 -21.67
C THR A 134 8.96 6.42 -21.25
N ALA A 135 10.20 6.17 -21.64
CA ALA A 135 10.90 4.92 -21.30
C ALA A 135 12.05 5.22 -20.35
N ALA A 136 12.65 4.17 -19.79
CA ALA A 136 13.83 4.28 -18.90
C ALA A 136 15.15 3.90 -19.58
N ASP A 137 15.09 2.95 -20.53
CA ASP A 137 16.29 2.50 -21.24
C ASP A 137 15.95 2.19 -22.69
N THR A 138 16.93 1.65 -23.43
CA THR A 138 16.68 1.17 -24.79
C THR A 138 15.53 0.16 -24.85
N ALA A 139 15.52 -0.81 -23.94
CA ALA A 139 14.53 -1.91 -23.95
C ALA A 139 13.07 -1.46 -23.91
N ALA A 140 12.82 -0.31 -23.29
CA ALA A 140 11.49 0.30 -23.25
C ALA A 140 11.20 1.22 -24.45
N GLN A 141 12.21 1.49 -25.28
CA GLN A 141 11.99 2.14 -26.59
C GLN A 141 11.21 1.17 -27.48
N ILE A 142 11.65 -0.10 -27.45
CA ILE A 142 11.02 -1.22 -28.18
C ILE A 142 9.52 -1.31 -27.90
N THR A 143 9.14 -1.12 -26.63
CA THR A 143 7.73 -1.10 -26.23
C THR A 143 7.03 0.17 -26.72
N GLN A 144 7.70 1.32 -26.57
CA GLN A 144 7.13 2.62 -26.97
C GLN A 144 6.62 2.63 -28.42
N ARG A 145 7.41 2.07 -29.34
CA ARG A 145 6.97 1.87 -30.73
C ARG A 145 5.78 0.92 -30.82
N LYS A 146 5.91 -0.23 -30.16
CA LYS A 146 4.84 -1.21 -30.10
C LYS A 146 3.51 -0.65 -29.54
N LEU A 147 3.58 0.33 -28.64
CA LEU A 147 2.39 1.00 -28.09
C LEU A 147 1.90 2.20 -28.91
N GLU A 148 2.80 2.91 -29.59
CA GLU A 148 2.40 4.02 -30.47
C GLU A 148 1.69 3.47 -31.70
N ALA A 149 2.30 2.43 -32.29
CA ALA A 149 1.70 1.66 -33.39
C ALA A 149 0.26 1.24 -33.08
N ALA A 150 0.07 0.59 -31.93
CA ALA A 150 -1.25 0.13 -31.49
C ALA A 150 -2.27 1.25 -31.17
N ARG A 151 -1.77 2.48 -30.94
CA ARG A 151 -2.59 3.63 -30.52
C ARG A 151 -3.22 3.33 -29.17
N ALA A 152 -2.35 2.98 -28.22
CA ALA A 152 -2.74 2.65 -26.85
C ALA A 152 -3.14 3.90 -26.09
N ALA A 153 -2.37 4.98 -26.27
CA ALA A 153 -2.62 6.24 -25.57
C ALA A 153 -3.92 6.94 -25.99
N GLU A 154 -4.47 6.55 -27.14
CA GLU A 154 -5.81 6.97 -27.53
C GLU A 154 -6.87 6.25 -26.70
N GLN A 155 -6.72 4.94 -26.56
CA GLN A 155 -7.73 4.13 -25.90
C GLN A 155 -7.65 4.23 -24.36
N LEU A 156 -6.48 4.55 -23.83
CA LEU A 156 -6.35 4.83 -22.39
C LEU A 156 -6.90 6.21 -22.03
N ARG A 157 -6.65 7.22 -22.87
CA ARG A 157 -7.24 8.55 -22.68
C ARG A 157 -8.77 8.52 -22.62
N ALA A 158 -9.39 7.69 -23.44
CA ALA A 158 -10.85 7.54 -23.44
C ALA A 158 -11.33 6.82 -22.18
N TYR A 159 -10.52 5.88 -21.70
CA TYR A 159 -10.78 5.18 -20.45
C TYR A 159 -10.75 6.17 -19.31
N LEU A 160 -9.57 6.75 -19.10
CA LEU A 160 -9.35 7.55 -17.89
C LEU A 160 -9.86 9.00 -17.95
N GLU A 161 -10.42 9.43 -19.09
CA GLU A 161 -11.25 10.66 -19.17
C GLU A 161 -12.75 10.39 -19.06
N GLY A 162 -13.20 9.17 -19.35
CA GLY A 162 -14.61 8.83 -19.25
C GLY A 162 -14.84 7.89 -18.08
N THR A 163 -14.78 6.60 -18.36
CA THR A 163 -15.04 5.51 -17.41
C THR A 163 -14.53 5.73 -15.98
N CYS A 164 -13.24 5.97 -15.84
CA CYS A 164 -12.60 6.05 -14.53
C CYS A 164 -13.17 7.21 -13.67
N VAL A 165 -13.20 8.43 -14.23
CA VAL A 165 -13.85 9.58 -13.58
C VAL A 165 -15.34 9.32 -13.34
N GLU A 166 -16.04 8.83 -14.36
CA GLU A 166 -17.47 8.58 -14.22
C GLU A 166 -17.76 7.55 -13.14
N TRP A 167 -16.97 6.49 -13.07
CA TRP A 167 -17.24 5.40 -12.13
C TRP A 167 -16.65 5.69 -10.75
N LEU A 168 -15.54 6.41 -10.68
CA LEU A 168 -15.11 7.03 -9.43
C LEU A 168 -16.24 7.86 -8.77
N ARG A 169 -16.78 8.83 -9.50
CA ARG A 169 -17.88 9.68 -8.99
C ARG A 169 -19.05 8.87 -8.44
N ARG A 170 -19.37 7.77 -9.13
CA ARG A 170 -20.39 6.83 -8.69
C ARG A 170 -20.03 6.10 -7.39
N TYR A 171 -18.76 5.67 -7.25
CA TYR A 171 -18.28 4.99 -6.04
C TYR A 171 -18.28 5.92 -4.85
N LEU A 172 -17.75 7.13 -5.03
CA LEU A 172 -17.80 8.20 -4.01
C LEU A 172 -19.22 8.47 -3.51
N GLU A 173 -20.17 8.53 -4.43
CA GLU A 173 -21.58 8.73 -4.09
C GLU A 173 -22.21 7.48 -3.48
N ASN A 174 -21.85 6.30 -3.99
CA ASN A 174 -22.42 5.05 -3.44
C ASN A 174 -21.87 4.70 -2.06
N GLY A 175 -20.59 5.00 -1.81
CA GLY A 175 -19.98 4.77 -0.50
C GLY A 175 -19.66 6.03 0.25
N LYS A 176 -20.54 7.02 0.15
CA LYS A 176 -20.35 8.36 0.74
C LYS A 176 -20.09 8.31 2.24
N GLU A 177 -20.81 7.42 2.92
CA GLU A 177 -20.77 7.28 4.39
C GLU A 177 -19.36 6.99 4.90
N THR A 178 -18.55 6.28 4.10
CA THR A 178 -17.19 5.92 4.47
C THR A 178 -16.11 6.60 3.63
N LEU A 179 -16.35 6.76 2.33
CA LEU A 179 -15.36 7.39 1.43
C LEU A 179 -15.17 8.89 1.60
N GLN A 180 -16.23 9.64 1.92
CA GLN A 180 -16.13 11.11 2.04
C GLN A 180 -16.47 11.62 3.44
N ARG A 181 -16.01 10.87 4.43
CA ARG A 181 -15.85 11.38 5.77
C ARG A 181 -14.37 11.60 5.95
N ALA A 182 -14.01 12.57 6.78
CA ALA A 182 -12.66 12.69 7.31
C ALA A 182 -12.75 12.46 8.83
N GLU A 183 -11.96 11.50 9.28
CA GLU A 183 -11.88 11.10 10.66
C GLU A 183 -10.49 11.54 11.06
N PRO A 184 -10.36 12.72 11.67
CA PRO A 184 -9.02 13.22 11.98
C PRO A 184 -8.34 12.42 13.08
N PRO A 185 -7.05 12.66 13.31
CA PRO A 185 -6.31 11.84 14.26
C PRO A 185 -6.62 12.03 15.75
N LYS A 186 -6.40 10.97 16.51
CA LYS A 186 -6.39 11.01 17.97
C LYS A 186 -4.93 10.97 18.34
N THR A 187 -4.56 11.74 19.36
CA THR A 187 -3.16 11.97 19.60
C THR A 187 -2.79 11.91 21.06
N HIS A 188 -1.59 11.40 21.32
CA HIS A 188 -0.85 11.68 22.54
C HIS A 188 0.65 11.65 22.28
N VAL A 189 1.40 12.19 23.24
CA VAL A 189 2.85 12.17 23.24
C VAL A 189 3.32 11.34 24.40
N THR A 190 4.40 10.57 24.20
CA THR A 190 4.98 9.74 25.23
C THR A 190 6.46 10.04 25.47
N HIS A 191 6.94 9.60 26.62
CA HIS A 191 8.26 9.86 27.10
C HIS A 191 8.85 8.54 27.62
N HIS A 192 9.85 7.99 26.93
CA HIS A 192 10.59 6.83 27.44
C HIS A 192 12.03 7.22 27.67
N PRO A 193 12.52 7.12 28.91
CA PRO A 193 13.97 7.25 29.20
C PRO A 193 14.81 6.14 28.58
N LEU A 194 15.90 6.51 27.90
CA LEU A 194 16.93 5.55 27.47
C LEU A 194 18.13 5.49 28.45
N SER A 195 18.42 6.60 29.11
CA SER A 195 19.58 6.71 30.01
C SER A 195 19.20 7.62 31.16
N ASP A 196 20.17 7.93 32.02
CA ASP A 196 20.01 9.06 32.95
C ASP A 196 19.82 10.44 32.24
N HIS A 197 20.32 10.59 31.01
CA HIS A 197 20.43 11.92 30.36
C HIS A 197 19.59 12.14 29.13
N GLU A 198 18.90 11.14 28.59
CA GLU A 198 18.01 11.37 27.42
C GLU A 198 16.74 10.51 27.40
N ALA A 199 15.75 10.96 26.64
CA ALA A 199 14.47 10.23 26.50
C ALA A 199 13.93 10.35 25.09
N THR A 200 13.38 9.28 24.54
CA THR A 200 12.61 9.37 23.28
C THR A 200 11.28 10.05 23.57
N LEU A 201 10.93 11.06 22.78
CA LEU A 201 9.60 11.63 22.80
C LEU A 201 8.93 11.17 21.52
N ARG A 202 7.77 10.55 21.61
CA ARG A 202 7.12 9.95 20.47
C ARG A 202 5.72 10.45 20.41
N CYS A 203 5.40 11.07 19.27
CA CYS A 203 4.13 11.65 18.97
C CYS A 203 3.35 10.62 18.18
N TRP A 204 2.14 10.32 18.63
CA TRP A 204 1.26 9.30 18.04
C TRP A 204 0.03 9.90 17.37
N ALA A 205 -0.26 9.45 16.16
CA ALA A 205 -1.53 9.71 15.50
C ALA A 205 -2.21 8.39 15.21
N LEU A 206 -3.44 8.23 15.71
CA LEU A 206 -4.26 7.03 15.57
C LEU A 206 -5.70 7.33 15.10
N GLY A 207 -6.30 6.34 14.45
CA GLY A 207 -7.71 6.37 14.04
C GLY A 207 -8.01 7.36 12.92
N PHE A 208 -7.04 7.61 12.05
CA PHE A 208 -7.24 8.59 10.99
C PHE A 208 -7.51 7.97 9.62
N TYR A 209 -8.24 8.74 8.82
CA TYR A 209 -8.55 8.45 7.44
C TYR A 209 -8.83 9.81 6.79
N PRO A 210 -8.26 10.14 5.62
CA PRO A 210 -7.38 9.26 4.80
C PRO A 210 -5.99 9.17 5.36
N ALA A 211 -5.15 8.33 4.75
CA ALA A 211 -3.78 8.09 5.23
C ALA A 211 -2.78 9.24 5.12
N GLU A 212 -3.06 10.24 4.29
CA GLU A 212 -2.09 11.31 4.07
C GLU A 212 -2.05 12.12 5.35
N ILE A 213 -0.86 12.23 5.92
CA ILE A 213 -0.66 12.94 7.17
C ILE A 213 0.77 13.44 7.26
N THR A 214 0.95 14.60 7.90
CA THR A 214 2.29 15.13 8.15
C THR A 214 2.50 15.27 9.67
N LEU A 215 3.44 14.48 10.21
CA LEU A 215 3.90 14.59 11.60
C LEU A 215 5.32 15.10 11.56
N THR A 216 5.64 16.04 12.44
CA THR A 216 7.00 16.59 12.54
C THR A 216 7.27 16.99 13.98
N TRP A 217 8.53 16.92 14.39
CA TRP A 217 8.96 17.43 15.70
C TRP A 217 9.68 18.77 15.49
N GLN A 218 9.57 19.67 16.46
CA GLN A 218 10.20 20.99 16.39
C GLN A 218 10.86 21.39 17.71
N ARG A 219 12.14 21.74 17.67
CA ARG A 219 12.86 22.32 18.82
C ARG A 219 12.90 23.85 18.72
N ASP A 220 12.08 24.52 19.53
CA ASP A 220 11.94 25.98 19.50
C ASP A 220 11.69 26.47 18.09
N GLY A 221 10.56 26.06 17.50
CA GLY A 221 10.22 26.38 16.11
C GLY A 221 11.00 25.63 15.04
N GLU A 222 12.28 25.31 15.30
CA GLU A 222 13.14 24.68 14.29
C GLU A 222 12.76 23.22 14.14
N ASP A 223 12.41 22.81 12.91
CA ASP A 223 12.14 21.41 12.61
C ASP A 223 13.38 20.60 12.92
N GLN A 224 13.18 19.37 13.38
CA GLN A 224 14.28 18.44 13.62
C GLN A 224 14.21 17.30 12.60
N THR A 225 14.21 17.70 11.34
CA THR A 225 14.13 16.76 10.22
C THR A 225 15.23 15.69 10.23
N GLN A 226 16.38 16.02 10.83
CA GLN A 226 17.53 15.11 10.88
C GLN A 226 17.37 14.03 11.94
N ASP A 227 16.72 14.36 13.05
CA ASP A 227 16.64 13.50 14.23
C ASP A 227 15.34 12.70 14.39
N THR A 228 14.37 12.95 13.52
CA THR A 228 13.02 12.42 13.68
C THR A 228 12.89 11.06 13.03
N GLU A 229 12.83 9.99 13.83
CA GLU A 229 12.42 8.69 13.28
C GLU A 229 10.91 8.65 13.04
N LEU A 230 10.53 8.17 11.86
CA LEU A 230 9.22 8.38 11.28
C LEU A 230 8.82 7.09 10.57
N VAL A 231 8.12 6.20 11.27
CA VAL A 231 7.66 4.93 10.66
C VAL A 231 6.68 5.17 9.53
N GLU A 232 6.63 4.21 8.62
CA GLU A 232 5.65 4.23 7.55
C GLU A 232 4.24 4.14 8.15
N THR A 233 3.31 4.91 7.59
CA THR A 233 1.90 4.83 7.96
C THR A 233 1.44 3.39 7.82
N ARG A 234 0.63 2.91 8.76
CA ARG A 234 0.20 1.52 8.80
C ARG A 234 -1.30 1.40 9.05
N PRO A 235 -1.95 0.40 8.43
CA PRO A 235 -3.38 0.29 8.61
C PRO A 235 -3.73 -0.26 10.00
N ALA A 236 -4.83 0.23 10.56
CA ALA A 236 -5.29 -0.27 11.83
C ALA A 236 -6.04 -1.60 11.65
N GLY A 237 -6.59 -1.84 10.46
CA GLY A 237 -7.33 -3.05 10.12
C GLY A 237 -8.82 -2.79 9.95
N ASP A 238 -9.29 -1.64 10.42
CA ASP A 238 -10.73 -1.31 10.45
C ASP A 238 -11.06 -0.12 9.59
N GLY A 239 -10.25 0.14 8.58
CA GLY A 239 -10.39 1.32 7.75
C GLY A 239 -9.58 2.54 8.15
N THR A 240 -9.07 2.60 9.39
CA THR A 240 -8.24 3.74 9.83
C THR A 240 -6.74 3.44 9.82
N PHE A 241 -5.94 4.48 9.98
CA PHE A 241 -4.50 4.36 9.93
C PHE A 241 -3.82 4.83 11.19
N GLN A 242 -2.57 4.40 11.34
CA GLN A 242 -1.71 4.75 12.44
C GLN A 242 -0.30 5.16 11.96
N LYS A 243 0.28 6.14 12.65
CA LYS A 243 1.68 6.54 12.42
C LYS A 243 2.23 7.17 13.69
N TRP A 244 3.56 7.10 13.88
CA TRP A 244 4.23 7.92 14.90
C TRP A 244 5.50 8.57 14.40
N ALA A 245 5.92 9.59 15.14
CA ALA A 245 7.18 10.29 14.92
C ALA A 245 7.85 10.44 16.26
N ALA A 246 9.16 10.28 16.29
CA ALA A 246 9.91 10.18 17.53
C ALA A 246 11.21 10.95 17.43
N VAL A 247 11.69 11.47 18.56
CA VAL A 247 12.89 12.33 18.58
C VAL A 247 13.57 12.19 19.96
N VAL A 248 14.86 11.89 19.95
CA VAL A 248 15.59 11.68 21.19
C VAL A 248 15.96 13.04 21.74
N VAL A 249 15.39 13.42 22.89
CA VAL A 249 15.69 14.72 23.50
C VAL A 249 16.51 14.59 24.80
N PRO A 250 17.44 15.55 25.05
CA PRO A 250 18.22 15.49 26.28
C PRO A 250 17.32 15.89 27.42
N SER A 251 17.33 15.15 28.53
CA SER A 251 16.35 15.43 29.60
C SER A 251 16.66 16.80 30.21
N GLY A 252 15.62 17.49 30.66
CA GLY A 252 15.71 18.90 31.03
C GLY A 252 15.12 19.82 29.98
N GLN A 253 15.24 19.44 28.70
CA GLN A 253 14.82 20.29 27.58
C GLN A 253 13.50 19.85 26.88
N GLU A 254 12.74 18.98 27.51
CA GLU A 254 11.51 18.44 26.89
C GLU A 254 10.49 19.51 26.52
N GLN A 255 10.48 20.62 27.26
CA GLN A 255 9.51 21.71 27.08
C GLN A 255 9.72 22.56 25.81
N ARG A 256 10.93 22.50 25.23
CA ARG A 256 11.27 23.20 23.99
C ARG A 256 10.82 22.48 22.72
N TYR A 257 10.25 21.29 22.89
CA TYR A 257 9.84 20.44 21.80
C TYR A 257 8.35 20.50 21.64
N THR A 258 7.90 20.69 20.39
CA THR A 258 6.50 20.53 20.03
C THR A 258 6.38 19.63 18.82
N CYS A 259 5.23 18.96 18.73
CA CYS A 259 4.87 18.05 17.65
C CYS A 259 3.77 18.69 16.82
N HIS A 260 3.99 18.78 15.51
CA HIS A 260 3.06 19.48 14.61
C HIS A 260 2.49 18.50 13.62
N MET A 261 1.18 18.61 13.45
CA MET A 261 0.40 17.59 12.79
C MET A 261 -0.58 18.23 11.81
N GLN A 262 -0.52 17.81 10.53
CA GLN A 262 -1.45 18.30 9.49
C GLN A 262 -2.17 17.10 8.86
N HIS A 263 -3.50 17.18 8.77
CA HIS A 263 -4.34 16.12 8.20
C HIS A 263 -5.63 16.75 7.65
N GLU A 264 -6.20 16.16 6.59
CA GLU A 264 -7.46 16.64 6.01
C GLU A 264 -8.57 16.91 7.04
N GLY A 265 -8.75 15.98 7.97
CA GLY A 265 -9.78 16.07 8.99
C GLY A 265 -9.67 17.20 10.00
N LEU A 266 -8.47 17.77 10.12
CA LEU A 266 -8.22 18.99 10.90
C LEU A 266 -8.10 20.25 9.99
N GLN A 267 -8.85 21.32 10.29
CA GLN A 267 -8.70 22.59 9.56
C GLN A 267 -7.45 23.38 9.96
N GLU A 268 -7.09 23.36 11.24
CA GLU A 268 -5.84 24.00 11.70
C GLU A 268 -4.81 22.94 12.01
N PRO A 269 -3.53 23.26 11.79
CA PRO A 269 -2.45 22.45 12.35
C PRO A 269 -2.60 22.22 13.86
N LEU A 270 -2.35 21.01 14.31
CA LEU A 270 -2.39 20.67 15.71
C LEU A 270 -0.95 20.79 16.25
N THR A 271 -0.77 21.46 17.38
CA THR A 271 0.52 21.61 18.03
C THR A 271 0.42 20.88 19.35
N LEU A 272 1.40 20.04 19.67
CA LEU A 272 1.31 19.15 20.83
C LEU A 272 2.63 19.03 21.59
N SER A 273 2.55 18.96 22.93
CA SER A 273 3.76 18.89 23.76
C SER A 273 3.63 17.87 24.87
N TRP A 274 4.78 17.48 25.41
CA TRP A 274 4.87 16.63 26.61
C TRP A 274 4.62 17.49 27.84
N GLU A 275 3.49 17.23 28.50
CA GLU A 275 3.17 17.85 29.79
C GLU A 275 3.38 16.75 30.85
N PRO A 276 4.38 16.92 31.75
CA PRO A 276 4.58 15.95 32.84
C PRO A 276 3.39 15.81 33.81
N MET B 1 19.39 -8.13 -9.42
CA MET B 1 18.20 -7.22 -9.53
C MET B 1 18.10 -6.32 -8.28
N ILE B 2 17.23 -5.31 -8.37
CA ILE B 2 16.97 -4.36 -7.28
C ILE B 2 16.07 -5.00 -6.21
N GLN B 3 16.62 -5.13 -4.98
CA GLN B 3 15.94 -5.81 -3.89
C GLN B 3 15.92 -4.97 -2.61
N ARG B 4 14.79 -5.01 -1.92
CA ARG B 4 14.56 -4.21 -0.73
C ARG B 4 14.08 -5.10 0.40
N THR B 5 14.62 -4.89 1.60
CA THR B 5 14.32 -5.76 2.74
C THR B 5 13.12 -5.20 3.52
N PRO B 6 12.23 -6.09 4.00
CA PRO B 6 10.98 -5.63 4.61
C PRO B 6 11.16 -4.88 5.93
N LYS B 7 10.39 -3.80 6.09
CA LYS B 7 10.14 -3.20 7.40
C LYS B 7 8.94 -3.92 8.00
N ILE B 8 9.02 -4.26 9.27
CA ILE B 8 8.01 -5.07 9.95
C ILE B 8 7.53 -4.30 11.17
N GLN B 9 6.22 -4.19 11.35
CA GLN B 9 5.69 -3.57 12.59
C GLN B 9 4.60 -4.42 13.18
N VAL B 10 4.68 -4.66 14.48
CA VAL B 10 3.78 -5.54 15.17
C VAL B 10 3.08 -4.72 16.24
N TYR B 11 1.75 -4.70 16.16
CA TYR B 11 0.95 -3.76 16.93
C TYR B 11 -0.49 -4.27 16.96
N SER B 12 -1.29 -3.69 17.83
CA SER B 12 -2.68 -4.04 17.97
C SER B 12 -3.54 -2.98 17.32
N ARG B 13 -4.81 -3.30 17.10
CA ARG B 13 -5.72 -2.38 16.46
C ARG B 13 -5.99 -1.20 17.35
N HIS B 14 -6.32 -1.49 18.61
CA HIS B 14 -6.63 -0.50 19.62
C HIS B 14 -5.62 -0.72 20.74
N PRO B 15 -5.35 0.33 21.56
CA PRO B 15 -4.56 0.10 22.80
C PRO B 15 -5.07 -1.13 23.57
N ALA B 16 -4.15 -2.00 24.01
CA ALA B 16 -4.51 -3.32 24.55
C ALA B 16 -4.71 -3.31 26.05
N GLU B 17 -5.94 -3.52 26.48
CA GLU B 17 -6.29 -3.83 27.86
C GLU B 17 -6.47 -5.35 27.98
N ASN B 18 -5.99 -5.94 29.08
CA ASN B 18 -6.13 -7.40 29.36
C ASN B 18 -7.59 -7.80 29.46
N GLY B 19 -7.91 -8.98 28.95
CA GLY B 19 -9.28 -9.47 28.93
C GLY B 19 -10.24 -8.78 27.99
N LYS B 20 -9.74 -7.90 27.11
CA LYS B 20 -10.60 -7.17 26.19
C LYS B 20 -10.17 -7.56 24.79
N SER B 21 -11.12 -7.78 23.89
CA SER B 21 -10.80 -8.33 22.56
C SER B 21 -10.36 -7.21 21.63
N ASN B 22 -9.45 -7.58 20.74
CA ASN B 22 -8.60 -6.67 20.01
C ASN B 22 -8.08 -7.48 18.80
N PHE B 23 -7.27 -6.88 17.95
CA PHE B 23 -6.62 -7.58 16.84
C PHE B 23 -5.11 -7.38 16.88
N LEU B 24 -4.37 -8.45 16.62
CA LEU B 24 -2.93 -8.41 16.50
C LEU B 24 -2.62 -8.23 15.05
N ASN B 25 -1.84 -7.19 14.72
CA ASN B 25 -1.46 -6.87 13.35
C ASN B 25 0.01 -7.06 13.18
N CYS B 26 0.40 -7.56 12.03
CA CYS B 26 1.80 -7.58 11.62
C CYS B 26 1.87 -7.00 10.24
N TYR B 27 2.37 -5.78 10.14
CA TYR B 27 2.45 -5.05 8.87
C TYR B 27 3.85 -5.14 8.28
N VAL B 28 3.96 -5.59 7.03
CA VAL B 28 5.25 -5.77 6.37
C VAL B 28 5.24 -4.84 5.16
N SER B 29 6.18 -3.89 5.09
CA SER B 29 6.22 -2.92 3.98
C SER B 29 7.62 -2.74 3.40
N GLY B 30 7.69 -2.06 2.26
CA GLY B 30 8.95 -1.68 1.64
C GLY B 30 9.84 -2.82 1.14
N PHE B 31 9.25 -3.98 0.85
CA PHE B 31 10.01 -5.12 0.35
C PHE B 31 9.84 -5.40 -1.15
N HIS B 32 10.76 -6.20 -1.70
CA HIS B 32 10.78 -6.60 -3.12
C HIS B 32 11.82 -7.72 -3.32
N PRO B 33 11.49 -8.84 -3.96
CA PRO B 33 10.20 -9.09 -4.64
C PRO B 33 9.05 -9.44 -3.69
N SER B 34 7.90 -9.76 -4.26
CA SER B 34 6.68 -10.02 -3.50
C SER B 34 6.64 -11.31 -2.66
N ASP B 35 7.28 -12.40 -3.11
CA ASP B 35 7.16 -13.67 -2.37
C ASP B 35 7.70 -13.49 -0.97
N ILE B 36 6.90 -13.95 0.00
CA ILE B 36 7.14 -13.66 1.42
C ILE B 36 6.30 -14.63 2.24
N GLU B 37 6.82 -15.05 3.38
CA GLU B 37 6.14 -15.96 4.29
C GLU B 37 6.01 -15.24 5.58
N VAL B 38 4.82 -15.29 6.19
CA VAL B 38 4.56 -14.59 7.45
C VAL B 38 3.65 -15.45 8.35
N ASP B 39 4.11 -15.67 9.58
CA ASP B 39 3.31 -16.35 10.61
C ASP B 39 3.31 -15.48 11.88
N LEU B 40 2.17 -15.48 12.57
CA LEU B 40 2.06 -14.88 13.89
C LEU B 40 2.14 -15.94 14.97
N LEU B 41 2.86 -15.62 16.04
CA LEU B 41 3.17 -16.56 17.10
C LEU B 41 2.53 -16.15 18.43
N LYS B 42 2.07 -17.14 19.20
CA LYS B 42 1.60 -16.98 20.58
C LYS B 42 2.48 -17.86 21.46
N ASN B 43 3.13 -17.24 22.44
CA ASN B 43 4.12 -17.89 23.32
C ASN B 43 5.09 -18.83 22.61
N GLY B 44 5.49 -18.48 21.39
CA GLY B 44 6.41 -19.29 20.60
C GLY B 44 5.79 -20.03 19.42
N GLU B 45 4.65 -20.70 19.63
CA GLU B 45 4.03 -21.54 18.57
C GLU B 45 3.15 -20.74 17.62
N ARG B 46 2.96 -21.28 16.42
CA ARG B 46 2.16 -20.64 15.36
C ARG B 46 0.70 -20.43 15.78
N ILE B 47 0.08 -19.42 15.20
CA ILE B 47 -1.37 -19.21 15.29
C ILE B 47 -1.94 -19.58 13.93
N GLU B 48 -3.08 -20.29 13.94
CA GLU B 48 -3.58 -20.94 12.74
C GLU B 48 -4.61 -20.13 11.98
N LYS B 49 -5.53 -19.48 12.67
CA LYS B 49 -6.60 -18.73 12.00
C LYS B 49 -6.16 -17.29 11.69
N VAL B 50 -5.16 -17.15 10.82
CA VAL B 50 -4.58 -15.86 10.43
C VAL B 50 -5.11 -15.46 9.06
N GLU B 51 -5.64 -14.24 8.95
CA GLU B 51 -6.03 -13.66 7.67
C GLU B 51 -4.97 -12.67 7.18
N HIS B 52 -5.05 -12.33 5.90
CA HIS B 52 -4.15 -11.35 5.28
C HIS B 52 -4.81 -10.56 4.15
N SER B 53 -4.29 -9.36 3.92
CA SER B 53 -4.71 -8.50 2.82
C SER B 53 -4.18 -8.99 1.49
N ASP B 54 -4.65 -8.37 0.42
CA ASP B 54 -4.25 -8.73 -0.94
C ASP B 54 -3.02 -7.91 -1.27
N LEU B 55 -2.12 -8.46 -2.09
CA LEU B 55 -0.82 -7.83 -2.40
C LEU B 55 -0.96 -6.51 -3.15
N SER B 56 -0.45 -5.43 -2.55
CA SER B 56 -0.43 -4.10 -3.14
C SER B 56 0.98 -3.52 -3.01
N PHE B 57 1.18 -2.25 -3.39
CA PHE B 57 2.53 -1.65 -3.31
C PHE B 57 2.54 -0.13 -3.35
N SER B 58 3.59 0.47 -2.79
CA SER B 58 3.67 1.93 -2.61
C SER B 58 4.15 2.67 -3.86
N LYS B 59 4.25 4.00 -3.77
CA LYS B 59 4.76 4.88 -4.84
C LYS B 59 6.10 4.44 -5.44
N ASP B 60 7.01 3.98 -4.59
CA ASP B 60 8.32 3.49 -5.04
C ASP B 60 8.35 2.01 -5.48
N TRP B 61 7.17 1.44 -5.78
CA TRP B 61 6.98 0.10 -6.33
C TRP B 61 7.17 -1.05 -5.35
N SER B 62 7.43 -0.74 -4.08
CA SER B 62 7.73 -1.75 -3.08
C SER B 62 6.42 -2.20 -2.44
N PHE B 63 6.37 -3.46 -2.06
CA PHE B 63 5.14 -4.15 -1.69
C PHE B 63 4.81 -3.96 -0.22
N TYR B 64 3.53 -4.09 0.13
CA TYR B 64 3.09 -4.17 1.54
C TYR B 64 1.95 -5.17 1.71
N LEU B 65 2.00 -5.93 2.81
CA LEU B 65 0.86 -6.73 3.27
C LEU B 65 0.61 -6.50 4.76
N LEU B 66 -0.63 -6.79 5.16
CA LEU B 66 -1.06 -6.84 6.56
C LEU B 66 -1.51 -8.25 6.87
N TYR B 67 -0.97 -8.84 7.92
CA TYR B 67 -1.42 -10.12 8.46
C TYR B 67 -2.04 -9.80 9.81
N TYR B 68 -3.28 -10.26 10.05
CA TYR B 68 -3.97 -9.92 11.30
C TYR B 68 -4.80 -11.08 11.86
N THR B 69 -4.97 -11.09 13.18
CA THR B 69 -5.90 -12.01 13.84
C THR B 69 -6.54 -11.42 15.07
N GLU B 70 -7.80 -11.75 15.31
CA GLU B 70 -8.46 -11.38 16.55
C GLU B 70 -7.79 -12.14 17.68
N PHE B 71 -7.64 -11.47 18.82
CA PHE B 71 -7.12 -12.10 20.02
C PHE B 71 -7.63 -11.38 21.26
N THR B 72 -7.29 -11.93 22.41
CA THR B 72 -7.59 -11.34 23.71
C THR B 72 -6.31 -11.33 24.53
N PRO B 73 -5.64 -10.17 24.64
CA PRO B 73 -4.41 -10.05 25.42
C PRO B 73 -4.50 -10.40 26.93
N THR B 74 -3.33 -10.71 27.49
CA THR B 74 -3.21 -11.23 28.84
C THR B 74 -1.84 -10.83 29.31
N GLU B 75 -1.67 -10.50 30.59
CA GLU B 75 -0.36 -10.03 31.06
C GLU B 75 0.79 -10.99 30.71
N LYS B 76 0.55 -12.30 30.84
CA LYS B 76 1.58 -13.33 30.61
C LYS B 76 1.85 -13.73 29.15
N ASP B 77 0.84 -13.73 28.29
CA ASP B 77 1.01 -14.22 26.90
C ASP B 77 1.94 -13.31 26.08
N GLU B 78 2.87 -13.93 25.35
CA GLU B 78 3.80 -13.21 24.45
C GLU B 78 3.46 -13.46 23.00
N TYR B 79 3.50 -12.40 22.20
CA TYR B 79 3.15 -12.48 20.80
C TYR B 79 4.28 -11.99 19.93
N ALA B 80 4.28 -12.42 18.68
CA ALA B 80 5.32 -12.07 17.73
C ALA B 80 4.85 -12.29 16.30
N CYS B 81 5.68 -11.86 15.35
CA CYS B 81 5.46 -12.05 13.91
C CYS B 81 6.76 -12.57 13.31
N ARG B 82 6.70 -13.76 12.69
CA ARG B 82 7.85 -14.37 12.02
C ARG B 82 7.77 -14.04 10.54
N VAL B 83 8.89 -13.67 9.94
CA VAL B 83 8.93 -13.10 8.61
C VAL B 83 10.12 -13.66 7.84
N ASN B 84 9.86 -14.43 6.77
CA ASN B 84 10.94 -14.92 5.91
C ASN B 84 10.86 -14.27 4.53
N HIS B 85 12.03 -13.93 3.98
CA HIS B 85 12.16 -13.32 2.66
C HIS B 85 13.54 -13.72 2.08
N VAL B 86 13.70 -13.54 0.77
CA VAL B 86 15.03 -13.72 0.14
C VAL B 86 16.14 -12.89 0.80
N THR B 87 15.91 -11.61 1.07
CA THR B 87 16.97 -10.72 1.57
C THR B 87 17.48 -11.05 2.98
N LEU B 88 16.72 -11.88 3.71
CA LEU B 88 17.12 -12.38 5.01
C LEU B 88 17.77 -13.74 4.87
N SER B 89 18.94 -13.89 5.49
CA SER B 89 19.58 -15.19 5.64
C SER B 89 18.72 -16.07 6.54
N GLN B 90 18.11 -15.44 7.55
CA GLN B 90 17.40 -16.16 8.60
C GLN B 90 16.04 -15.50 8.89
N PRO B 91 14.98 -16.29 9.12
CA PRO B 91 13.66 -15.75 9.50
C PRO B 91 13.73 -14.80 10.68
N LYS B 92 13.14 -13.60 10.54
CA LYS B 92 13.13 -12.60 11.62
C LYS B 92 11.89 -12.78 12.50
N ILE B 93 12.10 -12.86 13.82
CA ILE B 93 11.00 -12.94 14.78
C ILE B 93 10.96 -11.62 15.51
N VAL B 94 9.86 -10.88 15.35
CA VAL B 94 9.69 -9.57 15.98
C VAL B 94 8.63 -9.60 17.09
N LYS B 95 9.00 -9.13 18.27
CA LYS B 95 8.16 -9.25 19.46
C LYS B 95 7.21 -8.07 19.46
N TRP B 96 5.98 -8.32 19.86
CA TRP B 96 4.99 -7.29 19.99
C TRP B 96 5.33 -6.57 21.29
N ASP B 97 5.80 -5.32 21.19
CA ASP B 97 5.78 -4.42 22.35
C ASP B 97 4.36 -3.93 22.47
N ARG B 98 3.93 -3.60 23.68
CA ARG B 98 2.60 -3.04 23.83
C ARG B 98 2.48 -1.54 23.53
N ASP B 99 3.59 -0.80 23.40
CA ASP B 99 3.52 0.67 23.28
C ASP B 99 2.73 1.17 22.08
N MET B 100 1.59 1.79 22.37
CA MET B 100 1.01 2.81 21.50
C MET B 100 0.38 3.86 22.38
N ARG C 1 -14.12 0.74 -12.15
CA ARG C 1 -13.97 -0.09 -13.38
C ARG C 1 -12.56 -0.03 -13.91
N TYR C 2 -12.08 -1.22 -14.26
CA TYR C 2 -10.70 -1.49 -14.62
C TYR C 2 -10.38 -0.93 -16.00
N ARG C 3 -9.10 -0.72 -16.29
CA ARG C 3 -8.62 -0.30 -17.63
C ARG C 3 -9.03 -1.29 -18.73
N PRO C 4 -9.08 -0.84 -20.00
CA PRO C 4 -9.38 -1.75 -21.11
C PRO C 4 -8.12 -2.44 -21.61
N GLY C 5 -8.29 -3.47 -22.41
CA GLY C 5 -7.18 -4.29 -22.89
C GLY C 5 -6.22 -3.54 -23.82
N THR C 6 -4.94 -3.66 -23.54
CA THR C 6 -3.88 -3.02 -24.33
C THR C 6 -2.86 -4.10 -24.72
N VAL C 7 -2.23 -3.91 -25.87
CA VAL C 7 -1.22 -4.86 -26.36
C VAL C 7 -0.08 -5.04 -25.36
N ALA C 8 0.36 -6.28 -25.21
CA ALA C 8 1.50 -6.60 -24.34
C ALA C 8 2.72 -5.75 -24.66
N LEU C 9 3.62 -5.67 -23.68
CA LEU C 9 4.80 -4.82 -23.76
C LEU C 9 5.89 -5.40 -24.68
ZN ZN D . -14.85 14.47 -1.07
ZN ZN E . 23.18 9.93 25.02
ZN ZN F . 24.03 9.40 30.91
#